data_3OP9
#
_entry.id   3OP9
#
_cell.length_a   71.12
_cell.length_b   71.12
_cell.length_c   122.13
_cell.angle_alpha   90.00
_cell.angle_beta   90.00
_cell.angle_gamma   90.00
#
_symmetry.space_group_name_H-M   'I 4 2 2'
#
loop_
_entity.id
_entity.type
_entity.pdbx_description
1 polymer 'Pli0006 protein'
2 non-polymer 'CHLORIDE ION'
3 water water
#
_entity_poly.entity_id   1
_entity_poly.type   'polypeptide(L)'
_entity_poly.pdbx_seq_one_letter_code
;SNA(MSE)TIQHQFAENLSRLKKEHGLKNHQIAELLNVQTRTVAYY(MSE)SGETKPDIEKLIRLATYFHLSIDELVGYV
QEDKVWNDLSLKQWLLSLNLRSEEEIAKIKILVDTVETLYPN
;
_entity_poly.pdbx_strand_id   A
#
loop_
_chem_comp.id
_chem_comp.type
_chem_comp.name
_chem_comp.formula
CL non-polymer 'CHLORIDE ION' 'Cl -1'
#
# COMPACT_ATOMS: atom_id res chain seq x y z
N ILE A 6 -17.87 -2.17 0.54
CA ILE A 6 -17.68 -0.86 1.16
C ILE A 6 -16.82 -0.97 2.42
N GLN A 7 -17.11 -1.95 3.26
CA GLN A 7 -16.33 -2.12 4.48
C GLN A 7 -15.04 -2.93 4.20
N HIS A 8 -13.87 -2.38 4.60
CA HIS A 8 -12.61 -3.10 4.39
C HIS A 8 -12.61 -4.40 5.18
N GLN A 9 -11.65 -5.29 4.90
N GLN A 9 -11.63 -5.26 4.89
CA GLN A 9 -11.60 -6.57 5.59
CA GLN A 9 -11.54 -6.60 5.46
C GLN A 9 -10.17 -6.85 6.04
C GLN A 9 -10.19 -6.87 6.12
N PHE A 10 -9.54 -5.84 6.63
CA PHE A 10 -8.17 -6.00 7.10
C PHE A 10 -8.09 -7.14 8.14
N ALA A 11 -9.03 -7.20 9.07
CA ALA A 11 -8.85 -8.16 10.15
C ALA A 11 -8.94 -9.59 9.59
N GLU A 12 -9.90 -9.79 8.68
CA GLU A 12 -10.11 -11.10 8.03
C GLU A 12 -8.87 -11.48 7.20
N ASN A 13 -8.34 -10.51 6.48
CA ASN A 13 -7.15 -10.73 5.63
C ASN A 13 -5.92 -11.03 6.46
N LEU A 14 -5.73 -10.28 7.55
CA LEU A 14 -4.55 -10.52 8.34
C LEU A 14 -4.69 -11.93 8.96
N SER A 15 -5.91 -12.30 9.35
CA SER A 15 -6.14 -13.60 9.95
C SER A 15 -5.80 -14.73 8.95
N ARG A 16 -6.17 -14.53 7.69
CA ARG A 16 -5.90 -15.54 6.67
C ARG A 16 -4.40 -15.62 6.32
N LEU A 17 -3.73 -14.48 6.32
CA LEU A 17 -2.29 -14.43 6.08
C LEU A 17 -1.57 -15.17 7.19
N LYS A 18 -1.97 -14.92 8.43
CA LYS A 18 -1.38 -15.58 9.58
C LYS A 18 -1.53 -17.09 9.46
N LYS A 19 -2.71 -17.52 9.04
CA LYS A 19 -3.02 -18.95 8.92
C LYS A 19 -2.20 -19.56 7.80
N GLU A 20 -2.24 -18.94 6.62
CA GLU A 20 -1.60 -19.51 5.46
C GLU A 20 -0.09 -19.49 5.56
N HIS A 21 0.46 -18.60 6.38
CA HIS A 21 1.90 -18.51 6.52
C HIS A 21 2.42 -19.25 7.73
N GLY A 22 1.50 -19.80 8.53
CA GLY A 22 1.86 -20.51 9.74
C GLY A 22 2.51 -19.63 10.78
N LEU A 23 2.13 -18.35 10.80
CA LEU A 23 2.68 -17.41 11.77
C LEU A 23 1.96 -17.44 13.10
N LYS A 24 2.70 -17.05 14.13
CA LYS A 24 2.15 -16.88 15.46
C LYS A 24 2.05 -15.39 15.69
N ASN A 25 1.08 -14.96 16.49
CA ASN A 25 0.90 -13.54 16.76
C ASN A 25 2.18 -12.84 17.24
N HIS A 26 2.99 -13.51 18.06
CA HIS A 26 4.20 -12.86 18.59
C HIS A 26 5.24 -12.59 17.50
N GLN A 27 5.23 -13.39 16.43
CA GLN A 27 6.12 -13.17 15.29
C GLN A 27 5.70 -11.91 14.51
N ILE A 28 4.39 -11.75 14.33
CA ILE A 28 3.91 -10.53 13.69
C ILE A 28 4.16 -9.35 14.61
N ALA A 29 4.01 -9.55 15.92
CA ALA A 29 4.22 -8.46 16.87
C ALA A 29 5.65 -7.99 16.77
N GLU A 30 6.57 -8.94 16.66
CA GLU A 30 7.99 -8.63 16.58
C GLU A 30 8.25 -7.82 15.31
N LEU A 31 7.61 -8.21 14.20
CA LEU A 31 7.76 -7.50 12.93
C LEU A 31 7.32 -6.03 13.03
N LEU A 32 6.26 -5.79 13.76
CA LEU A 32 5.71 -4.44 13.84
C LEU A 32 6.16 -3.69 15.08
N ASN A 33 6.93 -4.33 15.94
CA ASN A 33 7.28 -3.74 17.23
C ASN A 33 6.05 -3.28 18.03
N VAL A 34 5.12 -4.19 18.22
CA VAL A 34 3.98 -3.97 19.11
C VAL A 34 3.86 -5.17 20.04
N GLN A 35 2.97 -5.07 21.02
CA GLN A 35 2.62 -6.20 21.88
C GLN A 35 1.90 -7.28 21.08
N THR A 36 2.06 -8.53 21.51
CA THR A 36 1.32 -9.63 20.94
C THR A 36 -0.18 -9.41 21.11
N ARG A 37 -0.57 -8.81 22.23
CA ARG A 37 -1.97 -8.50 22.48
C ARG A 37 -2.53 -7.57 21.42
N THR A 38 -1.73 -6.62 20.97
CA THR A 38 -2.19 -5.67 19.98
C THR A 38 -2.46 -6.37 18.67
N VAL A 39 -1.63 -7.34 18.33
CA VAL A 39 -1.83 -8.11 17.10
C VAL A 39 -3.12 -8.95 17.19
N ALA A 40 -3.39 -9.49 18.38
CA ALA A 40 -4.65 -10.19 18.63
C ALA A 40 -5.81 -9.27 18.32
N TYR A 41 -5.73 -8.02 18.76
CA TYR A 41 -6.80 -7.07 18.48
C TYR A 41 -6.89 -6.68 17.01
N TYR A 42 -5.77 -6.63 16.29
CA TYR A 42 -5.85 -6.45 14.83
C TYR A 42 -6.68 -7.52 14.19
N MSE A 43 -6.45 -8.76 14.63
N MSE A 43 -6.49 -8.76 14.62
CA MSE A 43 -7.06 -9.95 14.01
CA MSE A 43 -7.12 -9.89 13.94
C MSE A 43 -8.55 -10.03 14.28
C MSE A 43 -8.58 -10.07 14.30
O MSE A 43 -9.30 -10.55 13.47
O MSE A 43 -9.32 -10.69 13.56
CB MSE A 43 -6.41 -11.24 14.52
CB MSE A 43 -6.38 -11.18 14.24
CG MSE A 43 -4.91 -11.34 14.33
CG MSE A 43 -5.00 -11.14 13.69
SE MSE A 43 -4.30 -12.05 12.61
SE MSE A 43 -3.96 -12.58 14.36
CE MSE A 43 -2.41 -11.60 12.81
CE MSE A 43 -2.30 -12.15 13.42
N SER A 44 -8.98 -9.51 15.43
CA SER A 44 -10.36 -9.60 15.83
C SER A 44 -11.10 -8.37 15.36
N GLY A 45 -10.34 -7.42 14.82
CA GLY A 45 -10.89 -6.17 14.32
C GLY A 45 -11.18 -5.13 15.41
N GLU A 46 -10.72 -5.39 16.62
N GLU A 46 -10.72 -5.38 16.62
CA GLU A 46 -10.98 -4.50 17.74
CA GLU A 46 -11.01 -4.47 17.73
C GLU A 46 -10.16 -3.22 17.64
C GLU A 46 -10.01 -3.33 17.85
N THR A 47 -9.06 -3.28 16.91
CA THR A 47 -8.17 -2.12 16.79
C THR A 47 -7.49 -2.25 15.43
N LYS A 48 -7.13 -1.11 14.83
CA LYS A 48 -6.51 -1.08 13.50
C LYS A 48 -5.15 -0.41 13.52
N PRO A 49 -4.24 -0.83 12.62
CA PRO A 49 -2.88 -0.28 12.60
C PRO A 49 -2.83 1.06 11.91
N ASP A 50 -1.79 1.85 12.19
CA ASP A 50 -1.63 3.11 11.48
C ASP A 50 -0.91 2.80 10.17
N ILE A 51 -0.79 3.82 9.32
CA ILE A 51 -0.23 3.65 7.99
C ILE A 51 1.14 2.99 8.01
N GLU A 52 1.96 3.31 9.02
CA GLU A 52 3.32 2.77 9.04
C GLU A 52 3.28 1.27 9.22
N LYS A 53 2.37 0.82 10.08
CA LYS A 53 2.21 -0.62 10.30
C LYS A 53 1.60 -1.36 9.09
N LEU A 54 0.65 -0.74 8.38
CA LEU A 54 0.14 -1.33 7.16
C LEU A 54 1.22 -1.46 6.13
N ILE A 55 2.10 -0.45 6.03
CA ILE A 55 3.20 -0.50 5.05
C ILE A 55 4.20 -1.60 5.38
N ARG A 56 4.51 -1.78 6.66
CA ARG A 56 5.41 -2.85 7.04
C ARG A 56 4.79 -4.19 6.69
N LEU A 57 3.48 -4.36 6.92
CA LEU A 57 2.84 -5.65 6.60
C LEU A 57 2.78 -5.87 5.08
N ALA A 58 2.43 -4.83 4.35
CA ALA A 58 2.31 -4.99 2.89
C ALA A 58 3.66 -5.35 2.30
N THR A 59 4.73 -4.73 2.83
CA THR A 59 6.06 -4.98 2.33
C THR A 59 6.46 -6.44 2.67
N TYR A 60 6.16 -6.86 3.90
CA TYR A 60 6.55 -8.21 4.32
C TYR A 60 5.88 -9.29 3.45
N PHE A 61 4.59 -9.11 3.18
CA PHE A 61 3.79 -10.10 2.46
C PHE A 61 3.76 -9.83 0.97
N HIS A 62 4.46 -8.79 0.53
CA HIS A 62 4.52 -8.45 -0.90
C HIS A 62 3.14 -8.16 -1.50
N LEU A 63 2.38 -7.30 -0.84
CA LEU A 63 1.00 -7.02 -1.22
C LEU A 63 0.85 -5.53 -1.45
N SER A 64 -0.14 -5.12 -2.24
CA SER A 64 -0.49 -3.70 -2.25
C SER A 64 -1.18 -3.42 -0.92
N ILE A 65 -1.20 -2.16 -0.49
CA ILE A 65 -1.93 -1.84 0.70
C ILE A 65 -3.41 -2.10 0.44
N ASP A 66 -3.85 -1.82 -0.78
CA ASP A 66 -5.26 -2.08 -1.15
C ASP A 66 -5.65 -3.55 -0.96
N GLU A 67 -4.82 -4.47 -1.45
CA GLU A 67 -5.05 -5.90 -1.27
C GLU A 67 -5.05 -6.24 0.24
N LEU A 68 -4.04 -5.77 0.96
CA LEU A 68 -3.95 -6.06 2.40
C LEU A 68 -5.20 -5.66 3.19
N VAL A 69 -5.75 -4.48 2.93
CA VAL A 69 -6.95 -4.10 3.64
C VAL A 69 -8.26 -4.45 2.95
N GLY A 70 -8.25 -4.95 1.70
CA GLY A 70 -9.50 -5.28 1.01
C GLY A 70 -10.27 -4.04 0.55
N TYR A 71 -9.54 -3.02 0.14
CA TYR A 71 -10.15 -1.78 -0.37
C TYR A 71 -10.37 -1.89 -1.87
N VAL A 72 -11.60 -1.62 -2.35
CA VAL A 72 -11.88 -1.59 -3.80
C VAL A 72 -12.64 -0.32 -4.15
N GLN A 73 -12.57 0.14 -5.39
CA GLN A 73 -13.24 1.39 -5.74
C GLN A 73 -14.31 1.22 -6.79
N GLU A 74 -15.08 2.28 -6.93
CA GLU A 74 -15.87 2.55 -8.13
C GLU A 74 -16.76 3.76 -7.92
N VAL A 77 -13.23 8.68 -13.76
CA VAL A 77 -13.46 8.79 -15.19
C VAL A 77 -12.61 9.90 -15.78
N TRP A 78 -11.75 9.52 -16.71
CA TRP A 78 -10.99 10.48 -17.49
C TRP A 78 -11.90 11.18 -18.50
N ASN A 79 -11.83 12.50 -18.54
CA ASN A 79 -12.49 13.27 -19.59
C ASN A 79 -11.81 13.07 -20.96
N ASP A 80 -10.49 13.01 -20.99
CA ASP A 80 -9.78 12.86 -22.26
C ASP A 80 -8.77 11.69 -22.23
N LEU A 81 -9.00 10.69 -23.08
CA LEU A 81 -8.27 9.42 -22.95
C LEU A 81 -6.85 9.46 -23.53
N SER A 82 -6.59 10.37 -24.46
CA SER A 82 -5.26 10.48 -25.03
C SER A 82 -4.25 10.93 -23.97
N LEU A 83 -4.70 11.65 -22.93
CA LEU A 83 -3.82 11.99 -21.80
C LEU A 83 -3.50 10.76 -20.94
N LYS A 84 -4.50 9.90 -20.71
CA LYS A 84 -4.32 8.67 -19.95
C LYS A 84 -3.37 7.78 -20.74
N GLN A 85 -3.54 7.80 -22.04
CA GLN A 85 -2.73 6.99 -22.92
C GLN A 85 -1.26 7.47 -22.86
N TRP A 86 -1.06 8.78 -22.85
CA TRP A 86 0.29 9.35 -22.71
C TRP A 86 0.92 8.95 -21.37
N LEU A 87 0.14 9.07 -20.31
CA LEU A 87 0.64 8.74 -18.98
C LEU A 87 1.05 7.25 -18.93
N LEU A 88 0.20 6.39 -19.45
CA LEU A 88 0.49 4.96 -19.55
C LEU A 88 1.79 4.69 -20.33
N SER A 89 2.00 5.45 -21.40
CA SER A 89 3.19 5.32 -22.25
C SER A 89 4.49 5.59 -21.51
N LEU A 90 4.44 6.31 -20.37
CA LEU A 90 5.67 6.57 -19.63
C LEU A 90 6.27 5.28 -19.08
N ASN A 91 5.43 4.24 -18.97
CA ASN A 91 5.92 2.97 -18.44
C ASN A 91 6.85 2.25 -19.40
N LEU A 92 6.87 2.69 -20.65
CA LEU A 92 7.82 2.17 -21.62
C LEU A 92 9.23 2.74 -21.51
N ARG A 93 9.37 3.89 -20.82
N ARG A 93 9.37 3.87 -20.80
CA ARG A 93 10.63 4.63 -20.83
CA ARG A 93 10.64 4.61 -20.81
C ARG A 93 11.65 3.99 -19.88
C ARG A 93 11.65 3.98 -19.87
N SER A 94 12.94 4.17 -20.17
CA SER A 94 13.99 3.65 -19.32
C SER A 94 14.00 4.48 -18.06
N GLU A 95 14.59 3.95 -17.00
CA GLU A 95 14.68 4.70 -15.77
C GLU A 95 15.49 5.98 -15.96
N GLU A 96 16.50 5.92 -16.83
CA GLU A 96 17.31 7.11 -17.09
C GLU A 96 16.45 8.22 -17.69
N GLU A 97 15.54 7.87 -18.60
CA GLU A 97 14.68 8.88 -19.26
C GLU A 97 13.60 9.40 -18.31
N ILE A 98 13.07 8.53 -17.48
CA ILE A 98 12.11 8.98 -16.48
C ILE A 98 12.78 9.89 -15.46
N ALA A 99 14.01 9.57 -15.07
CA ALA A 99 14.72 10.45 -14.16
C ALA A 99 14.88 11.89 -14.73
N LYS A 100 15.12 12.00 -16.03
CA LYS A 100 15.26 13.31 -16.65
C LYS A 100 13.94 14.05 -16.65
N ILE A 101 12.86 13.36 -16.97
CA ILE A 101 11.54 13.98 -17.00
C ILE A 101 11.17 14.48 -15.62
N LYS A 102 11.47 13.68 -14.60
CA LYS A 102 11.19 14.13 -13.22
C LYS A 102 11.94 15.41 -12.88
N ILE A 103 13.21 15.50 -13.26
CA ILE A 103 13.96 16.74 -13.00
C ILE A 103 13.37 17.92 -13.75
N LEU A 104 12.97 17.69 -15.00
CA LEU A 104 12.41 18.78 -15.81
C LEU A 104 11.15 19.31 -15.15
N VAL A 105 10.26 18.39 -14.81
CA VAL A 105 8.96 18.79 -14.26
C VAL A 105 9.14 19.40 -12.90
N ASP A 106 9.96 18.79 -12.02
CA ASP A 106 10.21 19.37 -10.67
C ASP A 106 10.80 20.79 -10.80
N THR A 107 11.73 20.95 -11.73
CA THR A 107 12.39 22.24 -11.88
C THR A 107 11.38 23.29 -12.29
N VAL A 108 10.55 22.96 -13.26
CA VAL A 108 9.63 23.95 -13.76
C VAL A 108 8.62 24.27 -12.65
N GLU A 109 8.16 23.26 -11.92
CA GLU A 109 7.26 23.51 -10.80
C GLU A 109 7.88 24.37 -9.73
N THR A 110 9.18 24.20 -9.48
CA THR A 110 9.85 25.06 -8.48
C THR A 110 9.96 26.49 -8.97
N LEU A 111 10.27 26.66 -10.26
CA LEU A 111 10.49 28.02 -10.77
C LEU A 111 9.19 28.79 -10.95
N TYR A 112 8.15 28.07 -11.39
CA TYR A 112 6.89 28.68 -11.81
C TYR A 112 5.68 28.00 -11.16
N PRO A 113 5.59 28.13 -9.84
CA PRO A 113 4.56 27.43 -9.05
C PRO A 113 3.17 27.78 -9.56
N ASN A 114 2.45 26.79 -10.08
CA ASN A 114 1.08 26.99 -10.52
C ASN A 114 0.33 27.91 -9.57
CL CL B . 1.44 -2.21 21.25
#